data_3VGC
#
_entry.id   3VGC
#
_cell.length_a   69.895
_cell.length_b   69.895
_cell.length_c   97.142
_cell.angle_alpha   90.00
_cell.angle_beta   90.00
_cell.angle_gamma   90.00
#
_symmetry.space_group_name_H-M   'P 42 21 2'
#
loop_
_entity.id
_entity.type
_entity.pdbx_description
1 polymer 'GAMMA CHYMOTRYPSIN'
2 polymer 'GAMMA CHYMOTRYPSIN'
3 polymer 'GAMMA CHYMOTRYPSIN'
4 non-polymer 'SULFATE ION'
5 non-polymer 'L-1-NAPHTHYL-2-ACETAMIDO-ETHANE BORONIC ACID'
6 water water
#
loop_
_entity_poly.entity_id
_entity_poly.type
_entity_poly.pdbx_seq_one_letter_code
_entity_poly.pdbx_strand_id
1 'polypeptide(L)' CGVPAIQPVLSGL A
2 'polypeptide(L)'
;IVNGEEAVPGSWPWQVSLQDKTGFHFCGGSLINENWVVTAAHCGVTTSDVVVAGEFDQGSSSEKIQKLKIAKVFKNSKYN
SLTINNDITLLKLSTAASFSQTVSAVCLPSASDDFAAGTTCVTTGWGLTRY
;
B
3 'polypeptide(L)'
;ANTPDRLQQASLPLLSNTNCKKYWGTKIKDAMICAGASGVSSCMGDSGGPLVCKKNGAWTLVGIVSWGSSTCSTSTPGVY
ARVTALVNWVQQTLAAN
;
C
#
# COMPACT_ATOMS: atom_id res chain seq x y z
N CYS A 1 -0.95 -6.74 -15.64
CA CYS A 1 -0.70 -6.27 -14.24
C CYS A 1 -0.94 -7.41 -13.25
N GLY A 2 -0.52 -7.21 -12.00
CA GLY A 2 -0.76 -8.18 -10.94
C GLY A 2 -0.20 -9.59 -11.02
N VAL A 3 0.69 -9.85 -11.96
CA VAL A 3 1.28 -11.19 -12.05
C VAL A 3 2.81 -11.04 -11.99
N PRO A 4 3.40 -11.15 -10.78
CA PRO A 4 4.85 -11.02 -10.59
C PRO A 4 5.66 -12.06 -11.35
N ALA A 5 6.85 -11.67 -11.79
CA ALA A 5 7.75 -12.58 -12.49
C ALA A 5 8.35 -13.56 -11.47
N ILE A 6 8.48 -13.12 -10.22
CA ILE A 6 8.99 -13.95 -9.14
C ILE A 6 7.79 -14.19 -8.22
N GLN A 7 7.28 -15.43 -8.21
CA GLN A 7 6.09 -15.74 -7.41
C GLN A 7 6.27 -15.63 -5.91
N PRO A 8 5.32 -14.98 -5.23
CA PRO A 8 5.36 -14.81 -3.77
C PRO A 8 5.18 -16.20 -3.15
N VAL A 9 5.75 -16.41 -1.98
CA VAL A 9 5.61 -17.66 -1.24
C VAL A 9 5.02 -17.25 0.10
N LEU A 10 3.78 -17.66 0.34
CA LEU A 10 3.04 -17.35 1.57
C LEU A 10 2.97 -18.51 2.58
N ILE B 1 4.97 -4.11 9.74
CA ILE B 1 4.04 -5.27 9.95
C ILE B 1 4.45 -6.08 11.17
N VAL B 2 3.56 -6.14 12.17
CA VAL B 2 3.81 -6.91 13.38
C VAL B 2 3.38 -8.34 13.10
N ASN B 3 4.26 -9.30 13.38
CA ASN B 3 3.94 -10.71 13.20
C ASN B 3 3.97 -11.20 11.75
N GLY B 4 4.61 -10.45 10.87
CA GLY B 4 4.67 -10.87 9.49
C GLY B 4 5.90 -11.73 9.29
N GLU B 5 6.26 -11.93 8.02
CA GLU B 5 7.44 -12.71 7.69
C GLU B 5 8.12 -12.00 6.55
N GLU B 6 9.37 -12.34 6.34
CA GLU B 6 10.19 -11.78 5.29
C GLU B 6 9.68 -12.26 3.95
N ALA B 7 9.59 -11.37 2.96
CA ALA B 7 9.11 -11.73 1.63
C ALA B 7 10.19 -12.35 0.76
N VAL B 8 9.78 -13.01 -0.33
CA VAL B 8 10.74 -13.57 -1.27
C VAL B 8 11.17 -12.30 -2.01
N PRO B 9 12.48 -12.04 -2.11
CA PRO B 9 12.96 -10.83 -2.79
C PRO B 9 12.42 -10.72 -4.20
N GLY B 10 11.88 -9.54 -4.51
CA GLY B 10 11.34 -9.30 -5.83
C GLY B 10 9.95 -9.84 -6.11
N SER B 11 9.33 -10.53 -5.13
CA SER B 11 8.01 -11.11 -5.32
C SER B 11 6.80 -10.18 -5.24
N TRP B 12 7.03 -8.93 -4.82
CA TRP B 12 5.98 -7.93 -4.74
C TRP B 12 6.61 -6.78 -5.50
N PRO B 13 6.72 -6.94 -6.83
CA PRO B 13 7.33 -5.95 -7.72
C PRO B 13 6.78 -4.53 -7.79
N TRP B 14 5.55 -4.33 -7.36
CA TRP B 14 4.91 -3.01 -7.38
C TRP B 14 5.18 -2.22 -6.09
N GLN B 15 5.70 -2.90 -5.09
CA GLN B 15 5.97 -2.23 -3.82
C GLN B 15 7.15 -1.27 -3.91
N VAL B 16 6.91 -0.02 -3.53
CA VAL B 16 7.97 0.97 -3.54
C VAL B 16 8.10 1.53 -2.13
N SER B 17 9.22 2.17 -1.88
CA SER B 17 9.50 2.80 -0.60
C SER B 17 9.58 4.32 -0.84
N LEU B 18 8.89 5.10 -0.03
CA LEU B 18 8.98 6.55 -0.12
C LEU B 18 10.02 6.91 0.90
N GLN B 19 11.08 7.58 0.47
CA GLN B 19 12.16 7.95 1.37
C GLN B 19 12.41 9.43 1.25
N ASP B 20 12.74 10.10 2.37
CA ASP B 20 13.05 11.52 2.28
C ASP B 20 14.49 11.71 1.75
N LYS B 21 14.94 12.95 1.56
CA LYS B 21 16.27 13.21 1.00
C LYS B 21 17.41 12.67 1.87
N THR B 22 17.07 12.38 3.13
CA THR B 22 17.97 11.85 4.13
C THR B 22 18.18 10.33 3.96
N GLY B 23 17.31 9.69 3.17
CA GLY B 23 17.38 8.25 2.94
C GLY B 23 16.51 7.46 3.92
N PHE B 24 15.69 8.17 4.67
CA PHE B 24 14.81 7.60 5.70
C PHE B 24 13.48 7.11 5.10
N HIS B 25 13.17 5.83 5.25
CA HIS B 25 11.90 5.27 4.76
C HIS B 25 10.74 5.74 5.68
N PHE B 26 9.73 6.37 5.11
CA PHE B 26 8.61 6.84 5.91
C PHE B 26 7.22 6.32 5.48
N CYS B 27 7.14 5.76 4.27
CA CYS B 27 5.88 5.23 3.76
C CYS B 27 6.09 4.26 2.60
N GLY B 28 5.05 3.49 2.30
CA GLY B 28 5.10 2.57 1.18
C GLY B 28 4.24 3.15 0.07
N GLY B 29 4.16 2.42 -1.05
CA GLY B 29 3.37 2.84 -2.19
C GLY B 29 3.32 1.72 -3.20
N SER B 30 2.48 1.85 -4.21
CA SER B 30 2.36 0.82 -5.25
C SER B 30 2.40 1.43 -6.63
N LEU B 31 3.18 0.82 -7.53
CA LEU B 31 3.26 1.27 -8.92
C LEU B 31 2.02 0.77 -9.65
N ILE B 32 1.33 1.67 -10.36
CA ILE B 32 0.16 1.26 -11.14
C ILE B 32 0.46 1.27 -12.64
N ASN B 33 1.65 1.75 -12.97
CA ASN B 33 2.22 1.80 -14.32
C ASN B 33 3.61 2.44 -14.18
N GLU B 34 4.35 2.62 -15.26
CA GLU B 34 5.70 3.18 -15.13
C GLU B 34 5.84 4.63 -14.73
N ASN B 35 4.75 5.39 -14.72
CA ASN B 35 4.80 6.81 -14.37
C ASN B 35 4.00 7.26 -13.16
N TRP B 36 3.23 6.36 -12.55
CA TRP B 36 2.39 6.73 -11.43
C TRP B 36 2.46 5.77 -10.27
N VAL B 37 2.51 6.34 -9.07
CA VAL B 37 2.55 5.57 -7.83
C VAL B 37 1.33 5.97 -7.01
N VAL B 38 0.68 4.99 -6.37
CA VAL B 38 -0.45 5.29 -5.48
C VAL B 38 0.07 5.13 -4.06
N THR B 39 -0.28 6.06 -3.20
CA THR B 39 0.14 6.01 -1.81
C THR B 39 -0.97 6.64 -0.95
N ALA B 40 -0.72 6.82 0.34
CA ALA B 40 -1.72 7.38 1.22
C ALA B 40 -1.54 8.88 1.30
N ALA B 41 -2.66 9.59 1.34
CA ALA B 41 -2.62 11.03 1.46
C ALA B 41 -1.98 11.46 2.78
N HIS B 42 -2.16 10.69 3.84
CA HIS B 42 -1.60 11.11 5.11
C HIS B 42 -0.08 11.01 5.17
N CYS B 43 0.52 10.35 4.19
CA CYS B 43 1.99 10.23 4.14
C CYS B 43 2.66 11.60 3.98
N GLY B 44 1.94 12.58 3.47
CA GLY B 44 2.50 13.92 3.31
C GLY B 44 3.71 14.05 2.41
N VAL B 45 3.70 13.33 1.30
CA VAL B 45 4.78 13.34 0.32
C VAL B 45 4.94 14.73 -0.32
N THR B 46 6.19 15.13 -0.58
CA THR B 46 6.49 16.40 -1.24
C THR B 46 7.37 15.99 -2.43
N THR B 47 7.69 16.93 -3.32
CA THR B 47 8.54 16.63 -4.47
C THR B 47 10.03 16.48 -4.12
N SER B 48 10.38 16.69 -2.85
CA SER B 48 11.75 16.52 -2.38
C SER B 48 12.00 15.05 -1.97
N ASP B 49 10.92 14.29 -1.85
CA ASP B 49 11.02 12.88 -1.46
C ASP B 49 11.30 12.03 -2.70
N VAL B 50 11.77 10.81 -2.50
CA VAL B 50 12.08 9.95 -3.63
C VAL B 50 11.37 8.61 -3.53
N VAL B 51 11.01 8.09 -4.69
CA VAL B 51 10.35 6.81 -4.81
C VAL B 51 11.44 5.80 -5.11
N VAL B 52 11.56 4.76 -4.30
CA VAL B 52 12.58 3.75 -4.54
C VAL B 52 11.89 2.44 -4.95
N ALA B 53 12.18 2.00 -6.17
CA ALA B 53 11.63 0.78 -6.74
C ALA B 53 12.72 -0.32 -6.87
N GLY B 54 12.28 -1.58 -6.88
CA GLY B 54 13.20 -2.69 -7.00
C GLY B 54 14.01 -3.01 -5.75
N GLU B 55 13.64 -2.44 -4.60
CA GLU B 55 14.39 -2.68 -3.37
C GLU B 55 13.81 -3.79 -2.49
N PHE B 56 14.68 -4.55 -1.85
CA PHE B 56 14.22 -5.59 -0.94
C PHE B 56 14.79 -5.34 0.44
N ASP B 57 16.12 -5.24 0.49
CA ASP B 57 16.84 -5.03 1.73
C ASP B 57 17.37 -3.60 1.74
N GLN B 58 16.73 -2.76 2.54
CA GLN B 58 17.13 -1.35 2.62
C GLN B 58 18.52 -1.14 3.22
N GLY B 59 19.12 -2.20 3.76
CA GLY B 59 20.45 -2.09 4.33
C GLY B 59 21.51 -2.59 3.35
N SER B 60 21.10 -3.03 2.18
CA SER B 60 22.03 -3.55 1.18
C SER B 60 22.50 -2.51 0.18
N SER B 61 23.78 -2.60 -0.20
CA SER B 61 24.36 -1.67 -1.17
C SER B 61 24.47 -2.23 -2.57
N SER B 62 24.22 -3.52 -2.72
CA SER B 62 24.37 -4.17 -4.01
C SER B 62 23.11 -4.49 -4.79
N GLU B 63 21.98 -3.93 -4.39
CA GLU B 63 20.75 -4.17 -5.13
C GLU B 63 20.66 -3.11 -6.23
N LYS B 64 20.21 -3.51 -7.41
CA LYS B 64 20.06 -2.57 -8.51
C LYS B 64 18.66 -1.97 -8.35
N ILE B 65 18.56 -0.95 -7.53
CA ILE B 65 17.28 -0.29 -7.28
C ILE B 65 17.14 0.91 -8.20
N GLN B 66 15.94 1.47 -8.25
CA GLN B 66 15.68 2.66 -9.05
C GLN B 66 15.19 3.78 -8.12
N LYS B 67 15.93 4.88 -8.06
CA LYS B 67 15.55 6.03 -7.22
C LYS B 67 14.90 7.01 -8.19
N LEU B 68 13.59 7.13 -8.08
CA LEU B 68 12.82 7.95 -8.99
C LEU B 68 12.33 9.26 -8.37
N LYS B 69 12.49 10.34 -9.12
CA LYS B 69 12.04 11.66 -8.68
C LYS B 69 10.55 11.86 -8.93
N ILE B 70 9.94 12.67 -8.08
CA ILE B 70 8.51 12.96 -8.15
C ILE B 70 8.26 14.31 -8.82
N ALA B 71 7.48 14.29 -9.91
CA ALA B 71 7.13 15.50 -10.64
C ALA B 71 6.00 16.24 -9.92
N LYS B 72 4.95 15.51 -9.58
CA LYS B 72 3.79 16.10 -8.92
C LYS B 72 3.14 15.20 -7.90
N VAL B 73 2.49 15.85 -6.93
CA VAL B 73 1.76 15.18 -5.84
C VAL B 73 0.25 15.54 -6.00
N PHE B 74 -0.57 14.53 -6.28
CA PHE B 74 -2.01 14.70 -6.45
C PHE B 74 -2.76 14.14 -5.25
N LYS B 75 -3.02 15.00 -4.27
CA LYS B 75 -3.74 14.60 -3.07
C LYS B 75 -5.24 14.65 -3.40
N ASN B 76 -5.94 13.53 -3.23
CA ASN B 76 -7.39 13.46 -3.50
C ASN B 76 -8.07 14.65 -2.80
N SER B 77 -8.75 15.52 -3.55
CA SER B 77 -9.41 16.70 -2.93
C SER B 77 -10.46 16.31 -1.89
N LYS B 78 -10.96 15.09 -1.98
CA LYS B 78 -11.95 14.60 -1.03
C LYS B 78 -11.30 14.07 0.29
N TYR B 79 -9.98 14.02 0.34
CA TYR B 79 -9.29 13.56 1.55
C TYR B 79 -9.66 14.44 2.72
N ASN B 80 -10.04 13.81 3.83
CA ASN B 80 -10.41 14.54 5.03
C ASN B 80 -9.40 14.15 6.08
N SER B 81 -8.47 15.04 6.40
CA SER B 81 -7.45 14.72 7.39
C SER B 81 -7.95 14.57 8.83
N LEU B 82 -9.15 15.06 9.10
CA LEU B 82 -9.71 14.96 10.43
C LEU B 82 -10.28 13.56 10.66
N THR B 83 -10.84 12.96 9.63
CA THR B 83 -11.40 11.63 9.73
C THR B 83 -10.55 10.53 9.07
N ILE B 84 -9.52 10.97 8.33
CA ILE B 84 -8.61 10.13 7.54
C ILE B 84 -9.40 9.38 6.45
N ASN B 85 -10.50 9.99 6.00
CA ASN B 85 -11.27 9.36 4.96
C ASN B 85 -10.74 9.78 3.57
N ASN B 86 -10.88 8.87 2.59
CA ASN B 86 -10.41 9.06 1.20
C ASN B 86 -8.91 9.33 1.21
N ASP B 87 -8.20 8.47 1.93
CA ASP B 87 -6.78 8.59 2.13
C ASP B 87 -5.96 8.06 0.98
N ILE B 88 -5.92 8.84 -0.11
CA ILE B 88 -5.17 8.44 -1.29
C ILE B 88 -4.52 9.65 -1.99
N THR B 89 -3.28 9.44 -2.43
CA THR B 89 -2.51 10.44 -3.15
C THR B 89 -1.83 9.73 -4.30
N LEU B 90 -1.86 10.36 -5.46
CA LEU B 90 -1.17 9.83 -6.63
C LEU B 90 0.12 10.61 -6.85
N LEU B 91 1.17 9.92 -7.25
CA LEU B 91 2.44 10.56 -7.49
C LEU B 91 2.81 10.36 -8.94
N LYS B 92 3.05 11.47 -9.64
CA LYS B 92 3.47 11.42 -11.04
C LYS B 92 5.01 11.51 -11.03
N LEU B 93 5.66 10.47 -11.55
CA LEU B 93 7.11 10.40 -11.60
C LEU B 93 7.67 11.31 -12.70
N SER B 94 8.73 12.04 -12.41
CA SER B 94 9.31 12.88 -13.45
C SER B 94 10.16 11.97 -14.33
N THR B 95 10.56 10.85 -13.76
CA THR B 95 11.36 9.85 -14.44
C THR B 95 10.61 8.50 -14.35
N ALA B 96 10.20 7.97 -15.49
CA ALA B 96 9.47 6.71 -15.53
C ALA B 96 10.28 5.51 -15.01
N ALA B 97 9.62 4.60 -14.30
CA ALA B 97 10.27 3.40 -13.79
C ALA B 97 10.50 2.45 -14.98
N SER B 98 11.55 1.62 -14.88
CA SER B 98 11.84 0.68 -15.94
C SER B 98 11.36 -0.66 -15.42
N PHE B 99 10.31 -1.20 -16.03
CA PHE B 99 9.79 -2.48 -15.59
C PHE B 99 10.73 -3.63 -15.95
N SER B 100 10.90 -4.53 -14.98
CA SER B 100 11.81 -5.67 -15.09
C SER B 100 11.17 -6.82 -14.30
N GLN B 101 11.94 -7.87 -14.03
CA GLN B 101 11.40 -8.96 -13.24
C GLN B 101 11.02 -8.50 -11.82
N THR B 102 11.75 -7.51 -11.29
CA THR B 102 11.50 -7.02 -9.94
C THR B 102 10.72 -5.71 -9.81
N VAL B 103 10.29 -5.15 -10.94
CA VAL B 103 9.55 -3.89 -10.91
C VAL B 103 8.43 -3.98 -11.91
N SER B 104 7.19 -3.97 -11.44
CA SER B 104 6.03 -4.02 -12.32
C SER B 104 4.79 -3.48 -11.63
N ALA B 105 3.64 -3.49 -12.32
CA ALA B 105 2.41 -2.91 -11.80
C ALA B 105 1.40 -3.86 -11.16
N VAL B 106 0.67 -3.32 -10.19
CA VAL B 106 -0.37 -4.07 -9.51
C VAL B 106 -1.62 -3.68 -10.30
N CYS B 107 -2.64 -4.52 -10.29
CA CYS B 107 -3.88 -4.20 -10.99
C CYS B 107 -4.79 -3.38 -10.09
N LEU B 108 -5.63 -2.55 -10.70
CA LEU B 108 -6.63 -1.77 -9.99
C LEU B 108 -7.97 -2.48 -10.22
N PRO B 109 -8.87 -2.50 -9.23
CA PRO B 109 -10.16 -3.16 -9.42
C PRO B 109 -11.16 -2.25 -10.14
N SER B 110 -12.29 -2.83 -10.58
CA SER B 110 -13.33 -2.02 -11.20
C SER B 110 -14.10 -1.49 -9.99
N ALA B 111 -14.74 -0.33 -10.14
CA ALA B 111 -15.49 0.25 -9.02
C ALA B 111 -16.60 -0.68 -8.49
N SER B 112 -16.98 -1.67 -9.29
CA SER B 112 -18.04 -2.60 -8.87
C SER B 112 -17.53 -3.95 -8.40
N ASP B 113 -16.20 -4.08 -8.22
CA ASP B 113 -15.62 -5.35 -7.78
C ASP B 113 -16.00 -5.67 -6.33
N ASP B 114 -16.27 -6.94 -6.07
CA ASP B 114 -16.65 -7.43 -4.74
C ASP B 114 -15.55 -8.26 -4.09
N PHE B 115 -15.15 -7.84 -2.89
CA PHE B 115 -14.14 -8.56 -2.14
C PHE B 115 -14.80 -8.84 -0.81
N ALA B 116 -15.26 -10.08 -0.68
CA ALA B 116 -16.00 -10.59 0.49
C ALA B 116 -15.29 -10.68 1.82
N ALA B 117 -16.05 -10.46 2.90
CA ALA B 117 -15.49 -10.59 4.24
C ALA B 117 -15.07 -12.06 4.40
N GLY B 118 -13.93 -12.27 5.05
CA GLY B 118 -13.40 -13.61 5.24
C GLY B 118 -12.34 -13.97 4.22
N THR B 119 -12.29 -13.21 3.11
CA THR B 119 -11.31 -13.45 2.06
C THR B 119 -9.91 -13.13 2.64
N THR B 120 -8.94 -13.98 2.35
CA THR B 120 -7.58 -13.75 2.84
C THR B 120 -6.79 -12.99 1.78
N CYS B 121 -6.26 -11.84 2.17
CA CYS B 121 -5.48 -11.02 1.27
C CYS B 121 -4.08 -10.85 1.86
N VAL B 122 -3.25 -10.03 1.25
CA VAL B 122 -1.88 -9.86 1.70
C VAL B 122 -1.55 -8.39 1.79
N THR B 123 -0.76 -8.04 2.80
CA THR B 123 -0.31 -6.66 2.93
C THR B 123 1.20 -6.78 3.08
N THR B 124 1.93 -5.80 2.55
CA THR B 124 3.40 -5.81 2.57
C THR B 124 3.95 -4.45 3.01
N GLY B 125 5.21 -4.42 3.46
CA GLY B 125 5.78 -3.14 3.86
C GLY B 125 6.99 -3.23 4.75
N TRP B 126 7.64 -2.08 4.97
CA TRP B 126 8.80 -1.99 5.83
C TRP B 126 8.48 -1.28 7.15
N GLY B 127 7.22 -1.31 7.56
CA GLY B 127 6.85 -0.68 8.82
C GLY B 127 7.35 -1.46 10.03
N LEU B 128 7.13 -0.90 11.22
CA LEU B 128 7.55 -1.53 12.47
C LEU B 128 7.05 -2.96 12.61
N THR B 129 7.95 -3.83 13.05
CA THR B 129 7.64 -5.25 13.24
C THR B 129 7.31 -5.52 14.70
N ARG B 130 7.66 -4.56 15.55
CA ARG B 130 7.43 -4.64 16.98
C ARG B 130 7.10 -3.23 17.44
N TYR B 131 6.04 -3.11 18.23
CA TYR B 131 5.68 -1.81 18.76
C TYR B 131 5.73 -1.85 20.29
N THR C 3 12.63 0.33 12.05
CA THR C 3 11.93 -0.46 10.98
C THR C 3 12.85 -1.57 10.44
N PRO C 4 12.27 -2.68 9.92
CA PRO C 4 13.10 -3.76 9.39
C PRO C 4 13.78 -3.40 8.06
N ASP C 5 14.96 -3.96 7.82
CA ASP C 5 15.69 -3.73 6.58
C ASP C 5 14.99 -4.42 5.40
N ARG C 6 14.54 -5.63 5.63
CA ARG C 6 13.92 -6.40 4.56
C ARG C 6 12.41 -6.36 4.54
N LEU C 7 11.88 -6.36 3.33
CA LEU C 7 10.44 -6.30 3.12
C LEU C 7 9.68 -7.45 3.82
N GLN C 8 8.64 -7.09 4.57
CA GLN C 8 7.81 -8.07 5.27
C GLN C 8 6.47 -8.23 4.55
N GLN C 9 5.80 -9.35 4.82
CA GLN C 9 4.50 -9.64 4.22
C GLN C 9 3.69 -10.34 5.29
N ALA C 10 2.37 -10.31 5.12
CA ALA C 10 1.45 -10.96 6.05
C ALA C 10 0.11 -11.15 5.36
N SER C 11 -0.46 -12.34 5.55
CA SER C 11 -1.79 -12.68 5.04
C SER C 11 -2.74 -12.25 6.15
N LEU C 12 -3.93 -11.82 5.79
CA LEU C 12 -4.89 -11.40 6.78
C LEU C 12 -6.25 -11.37 6.13
N PRO C 13 -7.30 -11.60 6.93
CA PRO C 13 -8.68 -11.60 6.42
C PRO C 13 -9.36 -10.23 6.36
N LEU C 14 -10.21 -10.05 5.36
CA LEU C 14 -10.97 -8.81 5.24
C LEU C 14 -12.18 -8.98 6.18
N LEU C 15 -12.66 -7.89 6.74
CA LEU C 15 -13.82 -7.91 7.62
C LEU C 15 -14.88 -7.06 6.95
N SER C 16 -16.12 -7.15 7.43
CA SER C 16 -17.18 -6.33 6.88
C SER C 16 -17.13 -5.02 7.67
N ASN C 17 -17.60 -3.92 7.09
CA ASN C 17 -17.60 -2.63 7.78
C ASN C 17 -18.48 -2.67 9.05
N THR C 18 -19.54 -3.49 9.04
CA THR C 18 -20.45 -3.64 10.19
C THR C 18 -19.71 -4.26 11.36
N ASN C 19 -19.04 -5.38 11.08
CA ASN C 19 -18.25 -6.10 12.06
C ASN C 19 -17.09 -5.22 12.53
N CYS C 20 -16.53 -4.42 11.61
CA CYS C 20 -15.42 -3.54 11.97
C CYS C 20 -15.85 -2.38 12.88
N LYS C 21 -17.09 -1.93 12.70
CA LYS C 21 -17.67 -0.85 13.49
C LYS C 21 -17.82 -1.26 14.96
N LYS C 22 -17.80 -2.57 15.20
CA LYS C 22 -17.90 -3.05 16.56
C LYS C 22 -16.61 -2.66 17.29
N TYR C 23 -15.51 -2.49 16.56
CA TYR C 23 -14.23 -2.10 17.16
C TYR C 23 -14.03 -0.60 17.12
N TRP C 24 -14.29 -0.02 15.95
CA TRP C 24 -14.07 1.40 15.73
C TRP C 24 -15.28 2.32 15.73
N GLY C 25 -16.48 1.77 15.82
CA GLY C 25 -17.66 2.61 15.83
C GLY C 25 -17.81 3.41 14.56
N THR C 26 -18.24 4.66 14.70
CA THR C 26 -18.47 5.56 13.56
C THR C 26 -17.24 6.09 12.79
N LYS C 27 -16.05 5.76 13.25
CA LYS C 27 -14.82 6.19 12.57
C LYS C 27 -14.68 5.50 11.22
N ILE C 28 -15.37 4.37 11.06
CA ILE C 28 -15.35 3.57 9.84
C ILE C 28 -16.29 4.15 8.81
N LYS C 29 -15.70 4.78 7.79
CA LYS C 29 -16.45 5.42 6.72
C LYS C 29 -16.54 4.52 5.49
N ASP C 30 -17.37 4.91 4.53
CA ASP C 30 -17.56 4.11 3.32
C ASP C 30 -16.33 3.90 2.45
N ALA C 31 -15.43 4.87 2.42
CA ALA C 31 -14.23 4.71 1.62
C ALA C 31 -13.12 4.01 2.42
N MET C 32 -13.53 3.20 3.40
CA MET C 32 -12.59 2.46 4.22
C MET C 32 -12.97 0.98 4.19
N ILE C 33 -11.97 0.11 4.34
CA ILE C 33 -12.18 -1.32 4.36
C ILE C 33 -11.24 -1.84 5.44
N CYS C 34 -11.74 -2.74 6.28
CA CYS C 34 -10.94 -3.28 7.37
C CYS C 34 -10.43 -4.68 7.07
N ALA C 35 -9.28 -4.99 7.66
CA ALA C 35 -8.62 -6.30 7.53
C ALA C 35 -7.75 -6.56 8.77
N GLY C 36 -7.53 -7.83 9.07
CA GLY C 36 -6.68 -8.13 10.20
C GLY C 36 -7.41 -8.68 11.41
N ALA C 37 -6.97 -8.26 12.60
CA ALA C 37 -7.48 -8.73 13.90
C ALA C 37 -7.26 -10.25 13.93
N SER C 38 -6.23 -10.69 13.20
CA SER C 38 -5.94 -12.09 13.05
C SER C 38 -4.60 -12.55 13.60
N GLY C 39 -3.94 -11.70 14.37
CA GLY C 39 -2.63 -12.07 14.88
C GLY C 39 -1.52 -11.30 14.19
N VAL C 40 -1.86 -10.50 13.18
CA VAL C 40 -0.87 -9.67 12.46
C VAL C 40 -1.42 -8.24 12.47
N SER C 41 -0.55 -7.27 12.19
CA SER C 41 -1.00 -5.90 12.14
C SER C 41 -0.05 -5.04 11.31
N SER C 42 -0.60 -4.16 10.46
CA SER C 42 0.23 -3.20 9.71
C SER C 42 0.63 -2.22 10.83
N CYS C 43 1.66 -1.42 10.64
CA CYS C 43 2.10 -0.55 11.73
C CYS C 43 2.71 0.72 11.15
N MET C 44 3.32 1.55 12.01
CA MET C 44 3.95 2.77 11.52
C MET C 44 5.03 2.44 10.51
N GLY C 45 5.07 3.19 9.41
CA GLY C 45 6.04 2.94 8.35
C GLY C 45 5.45 2.12 7.20
N ASP C 46 4.32 1.46 7.45
CA ASP C 46 3.62 0.65 6.44
C ASP C 46 2.63 1.47 5.60
N SER C 47 2.25 2.62 6.13
CA SER C 47 1.30 3.53 5.48
C SER C 47 1.53 3.77 4.00
N GLY C 48 0.46 3.78 3.22
CA GLY C 48 0.57 4.01 1.80
C GLY C 48 0.82 2.73 1.02
N GLY C 49 1.27 1.69 1.70
CA GLY C 49 1.53 0.41 1.05
C GLY C 49 0.27 -0.32 0.62
N PRO C 50 0.41 -1.45 -0.08
CA PRO C 50 -0.74 -2.21 -0.55
C PRO C 50 -1.37 -3.29 0.33
N LEU C 51 -2.66 -3.53 0.07
CA LEU C 51 -3.42 -4.63 0.66
C LEU C 51 -3.93 -5.20 -0.67
N VAL C 52 -3.36 -6.33 -1.07
CA VAL C 52 -3.74 -6.98 -2.32
C VAL C 52 -4.45 -8.30 -2.13
N CYS C 53 -5.40 -8.56 -3.02
CA CYS C 53 -6.16 -9.80 -3.04
C CYS C 53 -6.05 -10.37 -4.46
N LYS C 54 -5.93 -11.67 -4.56
CA LYS C 54 -5.82 -12.31 -5.85
C LYS C 54 -7.25 -12.49 -6.38
N LYS C 55 -7.50 -12.01 -7.59
CA LYS C 55 -8.83 -12.10 -8.20
C LYS C 55 -8.61 -12.57 -9.65
N ASN C 56 -9.14 -13.75 -9.97
CA ASN C 56 -8.99 -14.34 -11.31
C ASN C 56 -7.53 -14.54 -11.72
N GLY C 57 -6.69 -14.86 -10.74
CA GLY C 57 -5.28 -15.10 -11.02
C GLY C 57 -4.30 -13.93 -10.90
N ALA C 58 -4.79 -12.70 -10.77
CA ALA C 58 -3.89 -11.54 -10.67
C ALA C 58 -4.08 -10.83 -9.34
N TRP C 59 -3.01 -10.25 -8.83
CA TRP C 59 -3.08 -9.52 -7.58
C TRP C 59 -3.67 -8.15 -7.85
N THR C 60 -4.73 -7.81 -7.13
CA THR C 60 -5.34 -6.51 -7.34
C THR C 60 -5.38 -5.70 -6.06
N LEU C 61 -5.15 -4.41 -6.21
CA LEU C 61 -5.10 -3.45 -5.11
C LEU C 61 -6.47 -3.17 -4.51
N VAL C 62 -6.72 -3.74 -3.34
CA VAL C 62 -8.01 -3.57 -2.67
C VAL C 62 -7.97 -2.47 -1.61
N GLY C 63 -6.82 -2.28 -0.98
CA GLY C 63 -6.74 -1.24 0.03
C GLY C 63 -5.38 -0.61 0.09
N ILE C 64 -5.29 0.54 0.74
CA ILE C 64 -4.03 1.27 0.92
C ILE C 64 -3.88 1.38 2.43
N VAL C 65 -2.73 1.00 2.97
CA VAL C 65 -2.52 1.06 4.41
C VAL C 65 -2.81 2.47 4.89
N SER C 66 -3.78 2.60 5.78
CA SER C 66 -4.19 3.91 6.23
C SER C 66 -4.06 4.20 7.72
N TRP C 67 -4.81 3.50 8.57
CA TRP C 67 -4.72 3.77 10.00
C TRP C 67 -5.20 2.60 10.84
N GLY C 68 -4.96 2.70 12.13
CA GLY C 68 -5.39 1.64 13.04
C GLY C 68 -4.96 1.90 14.46
N SER C 69 -4.82 0.81 15.20
CA SER C 69 -4.42 0.83 16.61
C SER C 69 -3.12 1.58 16.84
N SER C 70 -3.12 2.54 17.77
CA SER C 70 -1.92 3.32 18.08
C SER C 70 -0.80 2.43 18.57
N THR C 71 -1.16 1.25 19.06
CA THR C 71 -0.18 0.27 19.54
C THR C 71 0.05 -0.91 18.57
N CYS C 72 -0.56 -0.84 17.39
CA CYS C 72 -0.45 -1.91 16.38
C CYS C 72 -0.87 -3.27 16.94
N SER C 73 -1.93 -3.25 17.73
CA SER C 73 -2.49 -4.44 18.35
C SER C 73 -2.91 -5.45 17.29
N THR C 74 -2.38 -6.66 17.41
CA THR C 74 -2.69 -7.71 16.45
C THR C 74 -4.09 -8.30 16.59
N SER C 75 -4.88 -7.76 17.52
CA SER C 75 -6.24 -8.24 17.75
C SER C 75 -7.30 -7.22 17.41
N THR C 76 -6.88 -6.10 16.85
CA THR C 76 -7.79 -5.03 16.47
C THR C 76 -7.66 -4.93 14.96
N PRO C 77 -8.74 -4.62 14.25
CA PRO C 77 -8.66 -4.53 12.79
C PRO C 77 -7.89 -3.29 12.33
N GLY C 78 -7.12 -3.45 11.26
CA GLY C 78 -6.38 -2.35 10.67
C GLY C 78 -7.32 -1.72 9.68
N VAL C 79 -7.14 -0.42 9.36
CA VAL C 79 -8.02 0.28 8.44
C VAL C 79 -7.24 0.71 7.17
N TYR C 80 -7.82 0.44 6.01
CA TYR C 80 -7.22 0.69 4.70
C TYR C 80 -8.15 1.53 3.83
N ALA C 81 -7.61 2.34 2.95
CA ALA C 81 -8.49 3.11 2.05
C ALA C 81 -9.04 2.11 1.04
N ARG C 82 -10.35 2.12 0.84
CA ARG C 82 -11.02 1.18 -0.05
C ARG C 82 -10.84 1.66 -1.48
N VAL C 83 -9.95 1.00 -2.23
CA VAL C 83 -9.63 1.39 -3.61
C VAL C 83 -10.82 1.38 -4.58
N THR C 84 -11.76 0.50 -4.33
CA THR C 84 -12.96 0.37 -5.12
C THR C 84 -13.79 1.68 -5.10
N ALA C 85 -13.66 2.45 -4.03
CA ALA C 85 -14.36 3.73 -3.86
C ALA C 85 -13.55 4.93 -4.39
N LEU C 86 -12.29 4.69 -4.77
CA LEU C 86 -11.39 5.76 -5.24
C LEU C 86 -10.84 5.54 -6.65
N VAL C 87 -11.03 4.35 -7.21
CA VAL C 87 -10.53 4.04 -8.53
C VAL C 87 -11.04 4.99 -9.63
N ASN C 88 -12.27 5.49 -9.51
CA ASN C 88 -12.79 6.43 -10.52
C ASN C 88 -12.00 7.74 -10.50
N TRP C 89 -11.59 8.18 -9.32
CA TRP C 89 -10.77 9.38 -9.22
C TRP C 89 -9.36 9.07 -9.81
N VAL C 90 -8.80 7.90 -9.52
CA VAL C 90 -7.50 7.51 -10.08
C VAL C 90 -7.55 7.60 -11.64
N GLN C 91 -8.60 7.03 -12.23
CA GLN C 91 -8.82 7.04 -13.69
C GLN C 91 -8.92 8.47 -14.25
N GLN C 92 -9.68 9.35 -13.59
CA GLN C 92 -9.82 10.74 -14.03
C GLN C 92 -8.47 11.45 -13.98
N THR C 93 -7.76 11.30 -12.85
CA THR C 93 -6.47 11.94 -12.67
C THR C 93 -5.44 11.51 -13.73
N LEU C 94 -5.37 10.21 -14.01
CA LEU C 94 -4.44 9.69 -15.02
C LEU C 94 -4.78 10.20 -16.41
N ALA C 95 -6.07 10.26 -16.72
CA ALA C 95 -6.49 10.71 -18.03
C ALA C 95 -6.18 12.18 -18.29
N ALA C 96 -6.35 13.01 -17.26
CA ALA C 96 -6.12 14.43 -17.43
C ALA C 96 -4.67 14.91 -17.35
N ASN C 97 -3.80 14.10 -16.75
CA ASN C 97 -2.39 14.49 -16.57
C ASN C 97 -1.40 13.50 -17.20
#